data_2C4D
#
_entry.id   2C4D
#
_cell.length_a   106.767
_cell.length_b   106.767
_cell.length_c   86.622
_cell.angle_alpha   90.00
_cell.angle_beta   90.00
_cell.angle_gamma   120.00
#
_symmetry.space_group_name_H-M   'P 31 2 1'
#
loop_
_entity.id
_entity.type
_entity.pdbx_description
1 polymer 'PSATHYRELLA VELUTINA LECTIN PVL'
2 non-polymer 'CALCIUM ION'
3 non-polymer 2-acetamido-2-deoxy-beta-D-glucopyranose
4 non-polymer 'SULFATE ION'
5 water water
#
_entity_poly.entity_id   1
_entity_poly.type   'polypeptide(L)'
_entity_poly.pdbx_seq_one_letter_code
;SVVVISQALPVPTRIPGVADLVGFGNGGVYIIRNSLLIQVVKVINNFGYDAGGWRVEKHVRLLADTTGDNQSDVVGFGEN
GVWISTNNGNNTFVDPPKMVLANFAYAAGGWRVEKHIRFMADLRKTGRADIVGFGDGGIYISRNNGGGQFAPAQLALNNF
GYAQGWRLDRHLRFLADVTGDGLLDVVGFGENQVYIARNSGNGTFQPAQAVVNNFCIGAGGWTISAHPRVVADLTGDRKA
DILGFGVAGVYTSLNNGNGTFGAVNLVLKDFGVNSGWRVEKHVRCVSSLTNKKVGDIIGFGDAGVYVALNNGNGTFGPVK
RVIDNFGYNQGWRVDKHPRFVVDLTGDGCADIVGFGENSVWACMNKGDGTFGPIMKLIDDMTVSKGWTLQKTVRYAANLY
L
;
_entity_poly.pdbx_strand_id   A
#
# COMPACT_ATOMS: atom_id res chain seq x y z
N SER A 1 12.89 -3.15 -9.63
CA SER A 1 11.82 -2.21 -9.12
C SER A 1 11.62 -2.38 -7.63
N VAL A 2 12.00 -1.31 -6.90
CA VAL A 2 11.51 -0.90 -5.57
C VAL A 2 9.97 -0.82 -5.35
N VAL A 3 9.14 -0.80 -6.40
CA VAL A 3 7.67 -0.72 -6.24
C VAL A 3 7.06 -1.99 -5.64
N VAL A 4 6.29 -1.83 -4.57
CA VAL A 4 5.58 -2.92 -3.96
C VAL A 4 4.11 -2.56 -3.75
N ILE A 5 3.21 -3.44 -4.13
CA ILE A 5 1.81 -3.17 -3.96
C ILE A 5 1.22 -4.15 -2.95
N SER A 6 0.42 -3.64 -2.01
CA SER A 6 -0.09 -4.47 -0.94
C SER A 6 -1.53 -4.15 -0.63
N GLN A 7 -2.28 -5.14 -0.12
CA GLN A 7 -3.60 -4.93 0.49
C GLN A 7 -3.62 -3.64 1.36
N ALA A 8 -2.71 -3.53 2.31
CA ALA A 8 -2.74 -2.42 3.25
C ALA A 8 -2.50 -1.09 2.55
N LEU A 9 -1.64 -1.14 1.54
CA LEU A 9 -1.07 0.04 0.91
C LEU A 9 -1.04 -0.22 -0.59
N PRO A 10 -2.20 -0.14 -1.25
CA PRO A 10 -2.33 -0.33 -2.69
C PRO A 10 -1.86 0.83 -3.53
N VAL A 11 -1.54 1.95 -2.91
CA VAL A 11 -1.03 3.09 -3.64
C VAL A 11 0.35 3.37 -3.09
N PRO A 12 1.38 2.87 -3.79
CA PRO A 12 2.73 3.07 -3.32
C PRO A 12 3.12 4.48 -3.59
N THR A 13 4.07 4.94 -2.78
CA THR A 13 4.63 6.28 -2.86
C THR A 13 6.10 6.20 -3.26
N ARG A 14 6.65 7.29 -3.77
CA ARG A 14 8.06 7.33 -4.20
C ARG A 14 9.06 7.74 -3.13
N ILE A 15 10.25 7.16 -3.24
CA ILE A 15 11.39 7.40 -2.35
C ILE A 15 12.55 7.64 -3.30
N PRO A 16 13.06 8.88 -3.40
CA PRO A 16 12.68 10.15 -2.75
C PRO A 16 11.41 10.69 -3.39
N GLY A 17 10.73 11.54 -2.63
CA GLY A 17 9.43 12.08 -3.04
C GLY A 17 8.92 13.13 -2.09
N VAL A 18 7.99 13.92 -2.58
CA VAL A 18 7.26 14.88 -1.78
C VAL A 18 5.79 14.56 -2.00
N ALA A 19 5.28 13.61 -1.22
CA ALA A 19 3.98 13.05 -1.53
C ALA A 19 2.91 14.04 -1.17
N ASP A 20 1.81 13.95 -1.89
CA ASP A 20 0.66 14.76 -1.61
C ASP A 20 -0.28 13.94 -0.76
N LEU A 21 -1.36 14.58 -0.35
CA LEU A 21 -2.42 13.89 0.36
C LEU A 21 -3.67 13.95 -0.46
N VAL A 22 -4.39 12.83 -0.49
CA VAL A 22 -5.55 12.73 -1.30
C VAL A 22 -6.64 12.19 -0.45
N GLY A 23 -7.80 12.84 -0.48
CA GLY A 23 -9.01 12.37 0.21
C GLY A 23 -10.23 12.24 -0.69
N PHE A 24 -10.87 11.07 -0.58
CA PHE A 24 -12.09 10.74 -1.25
C PHE A 24 -13.13 10.94 -0.20
N GLY A 25 -13.64 12.16 -0.13
CA GLY A 25 -14.59 12.59 0.90
C GLY A 25 -16.00 12.47 0.39
N ASN A 26 -16.96 12.93 1.17
CA ASN A 26 -18.38 12.80 0.79
C ASN A 26 -18.76 13.46 -0.53
N GLY A 27 -18.37 14.71 -0.70
CA GLY A 27 -18.72 15.46 -1.90
C GLY A 27 -17.78 15.36 -3.07
N GLY A 28 -16.73 14.53 -2.95
CA GLY A 28 -15.85 14.28 -4.11
C GLY A 28 -14.41 14.12 -3.68
N VAL A 29 -13.52 14.45 -4.60
CA VAL A 29 -12.12 14.21 -4.44
C VAL A 29 -11.40 15.51 -4.10
N TYR A 30 -10.57 15.46 -3.06
CA TYR A 30 -9.84 16.62 -2.59
C TYR A 30 -8.34 16.35 -2.54
N ILE A 31 -7.52 17.34 -2.82
CA ILE A 31 -6.09 17.17 -2.68
C ILE A 31 -5.40 18.24 -1.87
N ILE A 32 -4.31 17.84 -1.22
CA ILE A 32 -3.41 18.77 -0.58
C ILE A 32 -2.04 18.62 -1.29
N ARG A 33 -1.70 19.61 -2.09
CA ARG A 33 -0.52 19.56 -2.91
C ARG A 33 0.68 19.88 -2.00
N ASN A 34 1.63 18.97 -1.91
CA ASN A 34 2.81 19.17 -1.07
C ASN A 34 3.59 20.32 -1.63
N SER A 35 3.61 21.46 -0.92
CA SER A 35 4.15 22.72 -1.44
C SER A 35 4.14 23.80 -0.36
N LEU A 36 4.60 25.01 -0.71
CA LEU A 36 4.63 26.16 0.21
C LEU A 36 3.29 26.60 0.68
N LEU A 37 2.27 26.28 -0.12
CA LEU A 37 0.91 26.64 0.19
C LEU A 37 0.22 25.40 0.56
N ILE A 38 -0.30 25.32 1.75
CA ILE A 38 -0.98 24.13 2.20
C ILE A 38 -2.46 24.41 2.38
N GLN A 39 -3.27 23.90 1.46
CA GLN A 39 -4.72 24.10 1.44
C GLN A 39 -5.39 22.85 0.83
N VAL A 40 -6.67 22.64 1.13
CA VAL A 40 -7.48 21.64 0.43
C VAL A 40 -8.11 22.20 -0.88
N VAL A 41 -8.16 21.38 -1.94
CA VAL A 41 -8.70 21.81 -3.24
C VAL A 41 -9.58 20.66 -3.73
N LYS A 42 -10.87 20.94 -4.00
CA LYS A 42 -11.76 19.92 -4.55
C LYS A 42 -11.41 19.88 -5.99
N VAL A 43 -11.27 18.69 -6.56
CA VAL A 43 -10.83 18.58 -7.94
C VAL A 43 -11.78 17.73 -8.77
N ILE A 44 -12.58 16.88 -8.14
CA ILE A 44 -13.49 16.05 -8.88
C ILE A 44 -14.77 15.96 -8.10
N ASN A 45 -15.88 16.36 -8.74
CA ASN A 45 -17.19 16.17 -8.13
C ASN A 45 -17.71 14.74 -8.44
N ASN A 46 -17.04 13.78 -7.82
CA ASN A 46 -17.27 12.39 -8.08
C ASN A 46 -16.36 11.56 -7.18
N PHE A 47 -16.54 10.23 -7.24
CA PHE A 47 -15.80 9.30 -6.43
C PHE A 47 -16.11 9.46 -4.97
N GLY A 48 -17.28 10.03 -4.67
CA GLY A 48 -17.66 10.36 -3.30
C GLY A 48 -18.88 9.64 -2.79
N TYR A 49 -18.95 9.43 -1.49
CA TYR A 49 -20.10 8.82 -0.84
C TYR A 49 -21.43 9.41 -1.38
N ASP A 50 -21.52 10.75 -1.43
CA ASP A 50 -22.66 11.48 -1.96
C ASP A 50 -22.44 11.84 -3.41
N ALA A 51 -21.19 12.02 -3.85
CA ALA A 51 -20.86 12.35 -5.25
C ALA A 51 -20.68 11.09 -6.16
N GLY A 52 -21.78 10.43 -6.48
CA GLY A 52 -21.70 9.21 -7.27
C GLY A 52 -22.04 7.95 -6.50
N GLY A 53 -22.52 8.08 -5.28
CA GLY A 53 -22.82 6.90 -4.47
C GLY A 53 -21.67 5.93 -4.15
N TRP A 54 -20.42 6.41 -3.99
CA TRP A 54 -19.31 5.47 -3.74
C TRP A 54 -19.33 4.91 -2.33
N ARG A 55 -19.05 3.61 -2.24
CA ARG A 55 -19.17 2.85 -1.00
C ARG A 55 -17.93 2.01 -0.72
N VAL A 56 -17.28 2.28 0.39
CA VAL A 56 -16.14 1.48 0.91
C VAL A 56 -16.35 -0.04 0.76
N GLU A 57 -17.53 -0.50 1.15
CA GLU A 57 -17.90 -1.93 1.10
C GLU A 57 -18.34 -2.50 -0.24
N LYS A 58 -18.29 -1.71 -1.31
CA LYS A 58 -18.71 -2.16 -2.65
C LYS A 58 -17.75 -1.76 -3.77
N HIS A 59 -16.95 -0.69 -3.55
CA HIS A 59 -16.12 -0.05 -4.57
C HIS A 59 -14.71 0.23 -4.08
N VAL A 60 -13.80 0.44 -5.01
CA VAL A 60 -12.39 0.61 -4.69
C VAL A 60 -11.92 1.88 -5.36
N ARG A 61 -11.31 2.76 -4.56
CA ARG A 61 -10.71 3.99 -5.08
C ARG A 61 -9.17 4.08 -4.85
N LEU A 62 -8.47 4.37 -5.94
CA LEU A 62 -7.00 4.42 -5.97
C LEU A 62 -6.45 5.56 -6.79
N LEU A 63 -5.14 5.68 -6.77
CA LEU A 63 -4.47 6.59 -7.66
C LEU A 63 -3.40 5.88 -8.40
N ALA A 64 -3.18 6.21 -9.67
CA ALA A 64 -2.16 5.55 -10.49
C ALA A 64 -1.96 6.26 -11.84
N ASP A 65 -0.73 6.25 -12.35
CA ASP A 65 -0.44 6.77 -13.64
C ASP A 65 -0.93 5.78 -14.72
N THR A 66 -2.05 6.14 -15.35
CA THR A 66 -2.67 5.35 -16.40
C THR A 66 -2.28 5.75 -17.83
N THR A 67 -1.45 6.81 -17.97
CA THR A 67 -1.06 7.41 -19.29
C THR A 67 0.43 7.35 -19.59
N GLY A 68 1.26 7.43 -18.52
CA GLY A 68 2.72 7.28 -18.58
C GLY A 68 3.50 8.59 -18.48
N ASP A 69 2.89 9.62 -17.94
CA ASP A 69 3.53 10.93 -17.84
C ASP A 69 4.01 11.25 -16.41
N ASN A 70 4.04 10.24 -15.53
CA ASN A 70 4.38 10.41 -14.10
C ASN A 70 3.48 11.35 -13.30
N GLN A 71 2.26 11.50 -13.81
CA GLN A 71 1.20 12.15 -13.10
C GLN A 71 0.20 11.07 -12.78
N SER A 72 -0.37 11.19 -11.61
CA SER A 72 -1.24 10.19 -11.06
C SER A 72 -2.70 10.54 -11.31
N ASP A 73 -3.45 9.57 -11.81
CA ASP A 73 -4.84 9.75 -12.21
C ASP A 73 -5.74 9.11 -11.14
N VAL A 74 -6.99 9.49 -11.07
CA VAL A 74 -7.84 8.93 -10.04
C VAL A 74 -8.51 7.77 -10.71
N VAL A 75 -8.59 6.64 -10.03
CA VAL A 75 -9.15 5.42 -10.60
C VAL A 75 -10.13 4.81 -9.65
N GLY A 76 -11.33 4.51 -10.12
CA GLY A 76 -12.38 3.98 -9.24
C GLY A 76 -13.00 2.73 -9.83
N PHE A 77 -13.08 1.67 -9.02
CA PHE A 77 -13.70 0.43 -9.43
C PHE A 77 -15.11 0.52 -8.93
N GLY A 78 -15.98 0.99 -9.82
CA GLY A 78 -17.32 1.38 -9.43
C GLY A 78 -18.33 0.26 -9.42
N GLU A 79 -19.59 0.66 -9.56
CA GLU A 79 -20.74 -0.23 -9.66
C GLU A 79 -20.85 -0.98 -10.99
N ASN A 80 -20.60 -0.28 -12.08
CA ASN A 80 -20.79 -0.84 -13.41
C ASN A 80 -19.50 -0.83 -14.26
N GLY A 81 -18.40 -0.37 -13.72
CA GLY A 81 -17.23 -0.34 -14.55
C GLY A 81 -16.09 0.37 -13.86
N VAL A 82 -15.03 0.65 -14.63
CA VAL A 82 -13.86 1.33 -14.12
C VAL A 82 -13.79 2.75 -14.65
N TRP A 83 -13.74 3.69 -13.71
CA TRP A 83 -13.90 5.09 -13.97
C TRP A 83 -12.61 5.78 -13.65
N ILE A 84 -12.08 6.48 -14.64
CA ILE A 84 -10.85 7.21 -14.50
C ILE A 84 -11.11 8.70 -14.73
N SER A 85 -10.52 9.53 -13.83
CA SER A 85 -10.38 10.97 -14.02
C SER A 85 -8.90 11.25 -14.14
N THR A 86 -8.41 11.46 -15.35
CA THR A 86 -6.98 11.70 -15.56
C THR A 86 -6.50 13.08 -15.07
N ASN A 87 -5.22 13.16 -14.75
CA ASN A 87 -4.60 14.36 -14.20
C ASN A 87 -4.35 15.37 -15.29
N ASN A 88 -4.87 16.58 -15.14
CA ASN A 88 -4.63 17.63 -16.14
C ASN A 88 -3.33 18.34 -16.02
N GLY A 89 -2.50 18.04 -15.03
CA GLY A 89 -1.16 18.64 -14.93
C GLY A 89 -1.01 19.90 -14.10
N ASN A 90 -2.10 20.39 -13.52
CA ASN A 90 -2.20 21.70 -12.90
C ASN A 90 -3.11 21.69 -11.68
N ASN A 91 -3.05 20.63 -10.88
CA ASN A 91 -3.96 20.51 -9.75
C ASN A 91 -5.46 20.48 -10.14
N THR A 92 -5.73 19.99 -11.36
CA THR A 92 -7.09 19.68 -11.81
C THR A 92 -7.11 18.33 -12.54
N PHE A 93 -8.30 17.71 -12.59
CA PHE A 93 -8.51 16.43 -13.22
C PHE A 93 -9.72 16.48 -14.12
N VAL A 94 -9.62 15.84 -15.28
CA VAL A 94 -10.77 15.58 -16.14
C VAL A 94 -11.95 15.25 -15.25
N ASP A 95 -13.06 15.97 -15.42
CA ASP A 95 -14.29 15.77 -14.63
C ASP A 95 -15.50 15.99 -15.54
N PRO A 96 -16.37 14.98 -15.71
CA PRO A 96 -16.50 13.70 -15.02
C PRO A 96 -15.48 12.71 -15.54
N PRO A 97 -15.30 11.61 -14.80
CA PRO A 97 -14.34 10.57 -15.19
C PRO A 97 -14.90 9.74 -16.38
N LYS A 98 -14.03 9.04 -17.11
CA LYS A 98 -14.49 8.18 -18.21
C LYS A 98 -14.55 6.69 -17.83
N MET A 99 -15.69 6.07 -18.06
CA MET A 99 -15.83 4.64 -17.91
C MET A 99 -14.97 4.00 -19.00
N VAL A 100 -13.91 3.29 -18.61
CA VAL A 100 -12.97 2.73 -19.58
C VAL A 100 -13.13 1.22 -19.78
N LEU A 101 -13.89 0.56 -18.92
CA LEU A 101 -14.05 -0.89 -19.04
C LEU A 101 -15.19 -1.38 -18.15
N ALA A 102 -16.17 -2.06 -18.74
CA ALA A 102 -17.29 -2.58 -17.96
C ALA A 102 -16.92 -3.90 -17.32
N ASN A 103 -16.01 -3.84 -16.36
CA ASN A 103 -15.56 -5.04 -15.68
C ASN A 103 -14.95 -4.66 -14.35
N PHE A 104 -14.49 -5.67 -13.62
CA PHE A 104 -13.77 -5.44 -12.38
C PHE A 104 -14.65 -4.71 -11.42
N ALA A 105 -15.95 -4.90 -11.57
CA ALA A 105 -16.91 -4.04 -10.93
C ALA A 105 -18.04 -4.84 -10.32
N TYR A 106 -18.70 -4.24 -9.34
CA TYR A 106 -19.76 -4.93 -8.60
C TYR A 106 -20.84 -5.59 -9.50
N ALA A 107 -21.40 -4.80 -10.43
CA ALA A 107 -22.46 -5.27 -11.33
C ALA A 107 -21.91 -5.65 -12.70
N ALA A 108 -20.57 -5.57 -12.83
CA ALA A 108 -19.87 -6.04 -14.00
C ALA A 108 -18.66 -6.87 -13.58
N GLY A 109 -18.89 -8.17 -13.52
CA GLY A 109 -17.88 -9.11 -13.18
C GLY A 109 -18.22 -9.77 -11.88
N GLY A 110 -19.17 -9.26 -11.12
CA GLY A 110 -19.45 -9.80 -9.79
C GLY A 110 -18.36 -9.61 -8.73
N TRP A 111 -17.57 -8.54 -8.87
CA TRP A 111 -16.49 -8.26 -7.89
C TRP A 111 -17.03 -7.84 -6.54
N ARG A 112 -16.38 -8.32 -5.50
CA ARG A 112 -16.81 -8.14 -4.14
C ARG A 112 -15.65 -7.79 -3.24
N VAL A 113 -15.77 -6.70 -2.50
CA VAL A 113 -14.69 -6.22 -1.64
C VAL A 113 -14.22 -7.28 -0.67
N GLU A 114 -15.17 -8.08 -0.20
CA GLU A 114 -14.94 -9.09 0.83
C GLU A 114 -14.48 -10.48 0.26
N LYS A 115 -14.37 -10.61 -1.07
CA LYS A 115 -13.88 -11.85 -1.72
C LYS A 115 -12.60 -11.65 -2.58
N HIS A 116 -12.42 -10.43 -3.11
CA HIS A 116 -11.48 -10.16 -4.16
C HIS A 116 -10.66 -8.94 -3.90
N ILE A 117 -9.66 -8.72 -4.75
CA ILE A 117 -8.71 -7.64 -4.60
C ILE A 117 -8.47 -7.00 -5.97
N ARG A 118 -8.35 -5.66 -6.00
CA ARG A 118 -8.13 -4.93 -7.23
C ARG A 118 -7.06 -3.86 -7.06
N PHE A 119 -6.06 -3.89 -7.93
CA PHE A 119 -4.94 -2.96 -7.87
C PHE A 119 -4.73 -2.32 -9.23
N MET A 120 -3.91 -1.30 -9.26
CA MET A 120 -3.38 -0.76 -10.49
C MET A 120 -1.86 -0.92 -10.44
N ALA A 121 -1.27 -1.44 -11.52
CA ALA A 121 0.15 -1.76 -11.50
C ALA A 121 0.79 -1.81 -12.88
N ASP A 122 1.96 -1.22 -13.01
CA ASP A 122 2.68 -1.30 -14.26
C ASP A 122 3.34 -2.69 -14.48
N LEU A 123 2.56 -3.69 -14.89
CA LEU A 123 3.06 -5.07 -14.97
C LEU A 123 3.81 -5.50 -16.25
N ARG A 124 3.95 -4.60 -17.21
CA ARG A 124 4.66 -4.93 -18.45
C ARG A 124 5.83 -3.98 -18.69
N LYS A 125 6.10 -3.07 -17.75
CA LYS A 125 7.21 -2.09 -17.86
C LYS A 125 6.99 -1.09 -18.98
N THR A 126 5.74 -0.67 -19.15
CA THR A 126 5.35 0.28 -20.20
C THR A 126 5.36 1.73 -19.74
N GLY A 127 5.61 1.95 -18.45
CA GLY A 127 5.35 3.24 -17.80
C GLY A 127 3.89 3.52 -17.43
N ARG A 128 2.96 2.61 -17.75
CA ARG A 128 1.51 2.79 -17.48
C ARG A 128 0.91 1.71 -16.55
N ALA A 129 -0.18 2.02 -15.84
CA ALA A 129 -0.79 1.05 -14.94
C ALA A 129 -1.81 0.17 -15.64
N ASP A 130 -1.59 -1.15 -15.58
CA ASP A 130 -2.54 -2.15 -16.06
C ASP A 130 -3.51 -2.40 -14.94
N ILE A 131 -4.72 -2.88 -15.24
CA ILE A 131 -5.71 -3.23 -14.19
C ILE A 131 -5.55 -4.70 -13.75
N VAL A 132 -5.42 -4.92 -12.43
CA VAL A 132 -5.08 -6.24 -11.90
C VAL A 132 -6.10 -6.69 -10.87
N GLY A 133 -6.76 -7.81 -11.12
CA GLY A 133 -7.76 -8.29 -10.21
C GLY A 133 -7.54 -9.70 -9.77
N PHE A 134 -7.42 -9.89 -8.46
CA PHE A 134 -7.42 -11.20 -7.86
C PHE A 134 -8.84 -11.59 -7.72
N GLY A 135 -9.32 -12.27 -8.74
CA GLY A 135 -10.73 -12.64 -8.80
C GLY A 135 -11.12 -14.00 -8.23
N ASP A 136 -12.06 -14.64 -8.91
CA ASP A 136 -12.59 -15.94 -8.46
C ASP A 136 -11.79 -17.12 -9.08
N GLY A 137 -11.65 -17.10 -10.38
CA GLY A 137 -10.91 -18.11 -11.07
C GLY A 137 -9.43 -17.90 -11.09
N GLY A 138 -8.94 -16.84 -10.46
CA GLY A 138 -7.52 -16.52 -10.53
C GLY A 138 -7.30 -15.04 -10.68
N ILE A 139 -6.18 -14.67 -11.31
CA ILE A 139 -5.78 -13.28 -11.49
C ILE A 139 -6.15 -12.86 -12.90
N TYR A 140 -6.86 -11.73 -13.00
CA TYR A 140 -7.24 -11.14 -14.28
C TYR A 140 -6.55 -9.81 -14.47
N ILE A 141 -6.20 -9.55 -15.73
CA ILE A 141 -5.53 -8.34 -16.10
C ILE A 141 -6.24 -7.67 -17.26
N SER A 142 -6.27 -6.33 -17.24
CA SER A 142 -6.65 -5.54 -18.43
C SER A 142 -5.51 -4.63 -18.90
N ARG A 143 -4.92 -5.00 -20.03
CA ARG A 143 -3.76 -4.30 -20.60
C ARG A 143 -4.12 -2.80 -20.77
N ASN A 144 -3.20 -1.93 -20.36
CA ASN A 144 -3.32 -0.51 -20.60
C ASN A 144 -2.61 -0.21 -21.90
N ASN A 145 -3.41 0.05 -22.93
CA ASN A 145 -2.89 0.20 -24.29
C ASN A 145 -2.62 1.65 -24.65
N GLY A 146 -2.72 2.57 -23.69
CA GLY A 146 -2.44 3.98 -23.95
C GLY A 146 -3.70 4.71 -24.32
N GLY A 147 -3.73 6.00 -24.00
CA GLY A 147 -4.86 6.87 -24.34
C GLY A 147 -6.20 6.52 -23.69
N GLY A 148 -6.16 6.01 -22.45
CA GLY A 148 -7.38 5.61 -21.74
C GLY A 148 -8.04 4.41 -22.41
N GLN A 149 -7.31 3.70 -23.28
CA GLN A 149 -7.90 2.53 -23.93
C GLN A 149 -7.31 1.22 -23.35
N PHE A 150 -8.20 0.47 -22.71
CA PHE A 150 -7.88 -0.69 -21.87
C PHE A 150 -8.47 -1.95 -22.51
N ALA A 151 -7.67 -3.02 -22.56
CA ALA A 151 -8.04 -4.22 -23.33
C ALA A 151 -8.98 -5.09 -22.49
N PRO A 152 -9.79 -5.95 -23.13
CA PRO A 152 -10.68 -6.78 -22.32
C PRO A 152 -9.89 -7.64 -21.34
N ALA A 153 -10.47 -7.89 -20.18
CA ALA A 153 -9.74 -8.58 -19.12
C ALA A 153 -9.42 -9.98 -19.57
N GLN A 154 -8.18 -10.41 -19.34
CA GLN A 154 -7.75 -11.79 -19.59
C GLN A 154 -7.16 -12.46 -18.36
N LEU A 155 -7.29 -13.76 -18.28
CA LEU A 155 -6.71 -14.52 -17.17
C LEU A 155 -5.17 -14.49 -17.26
N ALA A 156 -4.54 -13.96 -16.23
CA ALA A 156 -3.09 -13.97 -16.17
C ALA A 156 -2.59 -15.22 -15.48
N LEU A 157 -3.39 -15.80 -14.59
CA LEU A 157 -2.99 -17.02 -13.87
C LEU A 157 -4.15 -17.61 -13.13
N ASN A 158 -4.36 -18.91 -13.30
CA ASN A 158 -5.47 -19.61 -12.64
C ASN A 158 -5.08 -19.94 -11.19
N ASN A 159 -4.50 -18.97 -10.50
CA ASN A 159 -4.18 -19.17 -9.10
C ASN A 159 -4.31 -17.84 -8.34
N PHE A 160 -4.27 -17.95 -7.02
CA PHE A 160 -4.48 -16.84 -6.09
C PHE A 160 -5.88 -16.30 -6.09
N GLY A 161 -6.79 -17.02 -6.76
CA GLY A 161 -8.21 -16.69 -6.75
C GLY A 161 -9.01 -17.31 -5.60
N TYR A 162 -10.30 -17.00 -5.59
CA TYR A 162 -11.21 -17.48 -4.54
C TYR A 162 -11.50 -19.00 -4.68
N ALA A 163 -11.47 -19.46 -5.93
CA ALA A 163 -11.60 -20.87 -6.29
C ALA A 163 -10.48 -21.74 -5.69
N GLN A 164 -9.27 -21.17 -5.61
CA GLN A 164 -8.09 -21.87 -5.10
C GLN A 164 -7.90 -21.62 -3.58
N GLY A 165 -8.98 -21.15 -2.95
CA GLY A 165 -9.05 -21.08 -1.48
C GLY A 165 -8.60 -19.77 -0.85
N TRP A 166 -8.22 -18.79 -1.67
CA TRP A 166 -7.74 -17.53 -1.08
C TRP A 166 -8.85 -16.71 -0.35
N ARG A 167 -8.52 -16.22 0.85
CA ARG A 167 -9.51 -15.63 1.75
C ARG A 167 -8.90 -14.48 2.43
N LEU A 168 -9.65 -13.41 2.57
CA LEU A 168 -9.09 -12.19 3.06
C LEU A 168 -8.83 -12.26 4.53
N ASP A 169 -9.48 -13.19 5.24
CA ASP A 169 -9.24 -13.31 6.69
C ASP A 169 -8.15 -14.32 7.03
N ARG A 170 -7.55 -14.93 6.01
CA ARG A 170 -6.55 -15.94 6.20
C ARG A 170 -5.26 -15.70 5.51
N HIS A 171 -5.31 -15.11 4.31
CA HIS A 171 -4.17 -14.98 3.41
C HIS A 171 -3.88 -13.54 2.95
N LEU A 172 -2.71 -13.34 2.37
CA LEU A 172 -2.22 -12.02 1.96
C LEU A 172 -1.67 -12.17 0.59
N ARG A 173 -1.79 -11.10 -0.19
CA ARG A 173 -1.34 -11.12 -1.56
C ARG A 173 -0.73 -9.78 -1.86
N PHE A 174 0.32 -9.84 -2.69
CA PHE A 174 1.22 -8.74 -2.96
C PHE A 174 1.65 -8.69 -4.44
N LEU A 175 2.14 -7.54 -4.89
CA LEU A 175 2.88 -7.47 -6.15
C LEU A 175 4.23 -6.87 -5.78
N ALA A 176 5.29 -7.57 -6.14
CA ALA A 176 6.64 -7.10 -5.82
C ALA A 176 7.66 -7.83 -6.66
N ASP A 177 8.80 -7.21 -6.86
CA ASP A 177 9.81 -7.80 -7.70
C ASP A 177 10.69 -8.69 -6.86
N VAL A 178 10.55 -10.00 -7.09
CA VAL A 178 11.34 -10.99 -6.36
C VAL A 178 12.48 -11.59 -7.21
N THR A 179 12.60 -11.20 -8.47
CA THR A 179 13.66 -11.73 -9.34
C THR A 179 14.70 -10.71 -9.81
N GLY A 180 14.50 -9.42 -9.56
CA GLY A 180 15.37 -8.34 -10.06
C GLY A 180 15.21 -7.82 -11.51
N ASP A 181 14.34 -8.41 -12.33
CA ASP A 181 14.10 -7.87 -13.72
C ASP A 181 13.21 -6.62 -13.80
N GLY A 182 12.74 -6.14 -12.63
CA GLY A 182 11.87 -4.98 -12.54
C GLY A 182 10.39 -5.25 -12.78
N LEU A 183 10.07 -6.48 -13.20
CA LEU A 183 8.70 -6.92 -13.39
C LEU A 183 8.13 -7.47 -12.07
N LEU A 184 6.89 -7.07 -11.77
CA LEU A 184 6.26 -7.32 -10.50
C LEU A 184 5.67 -8.73 -10.54
N ASP A 185 6.03 -9.50 -9.53
CA ASP A 185 5.63 -10.88 -9.43
C ASP A 185 4.60 -10.94 -8.31
N VAL A 186 3.85 -12.03 -8.28
CA VAL A 186 2.90 -12.24 -7.22
C VAL A 186 3.61 -12.91 -6.06
N VAL A 187 3.52 -12.32 -4.89
CA VAL A 187 3.90 -12.99 -3.69
C VAL A 187 2.62 -13.24 -2.92
N GLY A 188 2.23 -14.50 -2.75
CA GLY A 188 1.06 -14.86 -1.94
C GLY A 188 1.30 -15.68 -0.67
N PHE A 189 1.01 -15.11 0.50
CA PHE A 189 1.01 -15.85 1.78
C PHE A 189 -0.28 -16.69 1.94
N GLY A 190 -0.34 -17.83 1.24
CA GLY A 190 -1.45 -18.82 1.31
C GLY A 190 -1.69 -19.50 2.66
N GLU A 191 -2.31 -20.68 2.58
CA GLU A 191 -2.75 -21.42 3.80
C GLU A 191 -1.60 -22.06 4.57
N ASN A 192 -0.78 -22.78 3.80
CA ASN A 192 0.31 -23.63 4.29
C ASN A 192 1.67 -23.11 3.86
N GLN A 193 1.81 -22.78 2.56
CA GLN A 193 3.01 -22.15 1.98
C GLN A 193 2.90 -20.60 1.80
N VAL A 194 4.04 -19.97 1.51
CA VAL A 194 4.10 -18.65 0.87
C VAL A 194 4.51 -18.95 -0.56
N TYR A 195 3.72 -18.54 -1.56
CA TYR A 195 4.06 -18.86 -2.96
C TYR A 195 4.57 -17.64 -3.70
N ILE A 196 5.03 -17.89 -4.92
CA ILE A 196 5.55 -16.88 -5.83
C ILE A 196 4.90 -17.14 -7.16
N ALA A 197 4.72 -16.10 -7.98
CA ALA A 197 4.41 -16.34 -9.38
C ALA A 197 5.18 -15.34 -10.22
N ARG A 198 6.09 -15.88 -11.00
CA ARG A 198 7.00 -15.07 -11.74
C ARG A 198 6.23 -14.46 -12.93
N ASN A 199 6.45 -13.17 -13.14
CA ASN A 199 5.76 -12.37 -14.13
C ASN A 199 6.38 -12.60 -15.50
N SER A 200 5.63 -13.08 -16.49
CA SER A 200 6.22 -13.30 -17.81
C SER A 200 6.28 -12.02 -18.67
N GLY A 201 6.12 -10.83 -18.09
CA GLY A 201 6.12 -9.59 -18.89
C GLY A 201 5.05 -9.39 -19.97
N ASN A 202 3.99 -10.19 -19.97
CA ASN A 202 2.93 -10.13 -21.01
C ASN A 202 1.49 -10.28 -20.47
N GLY A 203 1.26 -9.93 -19.22
CA GLY A 203 -0.06 -10.16 -18.66
C GLY A 203 -0.30 -11.63 -18.35
N THR A 204 0.76 -12.30 -17.94
CA THR A 204 0.65 -13.69 -17.49
C THR A 204 1.75 -13.94 -16.51
N PHE A 205 1.46 -14.89 -15.62
CA PHE A 205 2.39 -15.36 -14.64
C PHE A 205 2.60 -16.85 -14.81
N GLN A 206 3.83 -17.28 -14.57
CA GLN A 206 4.16 -18.70 -14.58
C GLN A 206 3.53 -19.31 -13.37
N PRO A 207 3.21 -20.61 -13.44
CA PRO A 207 2.52 -21.23 -12.31
C PRO A 207 3.17 -20.91 -10.99
N ALA A 208 2.35 -20.89 -9.94
CA ALA A 208 2.81 -20.67 -8.57
C ALA A 208 3.98 -21.59 -8.23
N GLN A 209 4.70 -21.25 -7.19
CA GLN A 209 5.84 -22.01 -6.73
C GLN A 209 6.04 -21.70 -5.24
N ALA A 210 5.85 -22.69 -4.36
CA ALA A 210 6.08 -22.46 -2.92
C ALA A 210 7.54 -22.13 -2.62
N VAL A 211 7.78 -21.18 -1.74
CA VAL A 211 9.11 -20.70 -1.46
C VAL A 211 9.43 -20.60 0.04
N VAL A 212 8.41 -20.65 0.89
CA VAL A 212 8.64 -20.65 2.34
C VAL A 212 7.50 -21.42 2.97
N ASN A 213 7.84 -22.41 3.80
CA ASN A 213 6.81 -23.09 4.56
C ASN A 213 6.70 -22.51 6.02
N ASN A 214 6.29 -21.25 6.08
CA ASN A 214 6.15 -20.50 7.32
C ASN A 214 5.36 -19.23 6.95
N PHE A 215 5.24 -18.29 7.90
CA PHE A 215 4.54 -16.99 7.72
C PHE A 215 3.04 -17.14 7.37
N CYS A 216 2.46 -18.33 7.52
CA CYS A 216 1.05 -18.55 7.24
C CYS A 216 0.23 -19.03 8.44
N ILE A 217 -1.05 -19.25 8.19
CA ILE A 217 -1.98 -19.55 9.26
C ILE A 217 -1.90 -21.02 9.66
N GLY A 218 -1.79 -21.88 8.66
CA GLY A 218 -1.49 -23.28 8.86
C GLY A 218 0.01 -23.53 8.67
N ALA A 219 0.86 -22.59 9.08
CA ALA A 219 2.31 -22.76 8.99
C ALA A 219 3.05 -21.72 9.79
N GLY A 220 2.93 -21.78 11.11
CA GLY A 220 3.50 -20.76 11.99
C GLY A 220 2.46 -20.08 12.86
N GLY A 221 1.18 -20.33 12.60
CA GLY A 221 0.10 -19.63 13.30
C GLY A 221 0.07 -18.15 13.00
N TRP A 222 0.32 -17.78 11.75
CA TRP A 222 0.28 -16.35 11.36
C TRP A 222 -1.18 -16.00 11.12
N THR A 223 -1.72 -15.09 11.96
CA THR A 223 -3.04 -14.55 11.72
C THR A 223 -3.03 -13.12 11.23
N ILE A 224 -4.10 -12.80 10.49
CA ILE A 224 -4.37 -11.46 9.98
C ILE A 224 -4.66 -10.51 11.14
N SER A 225 -5.26 -11.06 12.16
CA SER A 225 -5.69 -10.28 13.28
C SER A 225 -4.54 -10.02 14.24
N ALA A 226 -3.45 -10.76 14.12
CA ALA A 226 -2.36 -10.54 15.09
C ALA A 226 -0.94 -10.28 14.52
N HIS A 227 -0.67 -10.84 13.36
CA HIS A 227 0.67 -10.99 12.90
C HIS A 227 0.81 -10.40 11.51
N PRO A 228 0.94 -9.09 11.43
CA PRO A 228 1.05 -8.48 10.10
C PRO A 228 2.29 -8.98 9.35
N ARG A 229 2.26 -8.93 8.03
CA ARG A 229 3.41 -9.30 7.24
C ARG A 229 3.56 -8.38 6.05
N VAL A 230 4.81 -7.95 5.73
CA VAL A 230 5.09 -7.06 4.57
C VAL A 230 6.09 -7.61 3.57
N VAL A 231 6.23 -6.97 2.42
CA VAL A 231 7.20 -7.35 1.41
C VAL A 231 8.03 -6.08 1.07
N ALA A 232 9.34 -6.16 1.31
CA ALA A 232 10.22 -5.00 1.20
C ALA A 232 11.64 -5.46 0.96
N ASP A 233 12.36 -4.74 0.13
CA ASP A 233 13.80 -4.87 0.02
C ASP A 233 14.47 -4.47 1.36
N LEU A 234 15.19 -5.42 1.95
CA LEU A 234 15.85 -5.19 3.26
C LEU A 234 17.38 -5.14 3.12
N THR A 235 17.87 -5.52 1.94
CA THR A 235 19.31 -5.75 1.70
C THR A 235 19.92 -4.66 0.80
N GLY A 236 19.10 -4.11 -0.10
CA GLY A 236 19.46 -2.97 -0.89
C GLY A 236 19.64 -3.31 -2.35
N ASP A 237 19.17 -4.47 -2.81
CA ASP A 237 19.44 -4.87 -4.20
C ASP A 237 18.24 -4.73 -5.14
N ARG A 238 17.23 -3.99 -4.67
CA ARG A 238 15.94 -3.83 -5.34
C ARG A 238 15.14 -5.12 -5.54
N LYS A 239 15.53 -6.19 -4.85
CA LYS A 239 14.75 -7.42 -4.78
C LYS A 239 14.09 -7.48 -3.40
N ALA A 240 12.94 -8.13 -3.34
CA ALA A 240 12.07 -7.98 -2.18
C ALA A 240 12.24 -9.16 -1.23
N ASP A 241 12.29 -8.85 0.05
CA ASP A 241 12.35 -9.86 1.09
C ASP A 241 11.03 -9.92 1.83
N ILE A 242 10.95 -10.81 2.82
CA ILE A 242 9.72 -11.06 3.53
C ILE A 242 9.96 -10.63 4.94
N LEU A 243 8.96 -10.07 5.59
CA LEU A 243 9.14 -9.67 6.96
C LEU A 243 7.80 -9.77 7.63
N GLY A 244 7.72 -10.43 8.79
CA GLY A 244 6.46 -10.63 9.50
C GLY A 244 6.66 -10.17 10.93
N PHE A 245 5.62 -9.62 11.53
CA PHE A 245 5.66 -9.27 12.94
C PHE A 245 4.90 -10.37 13.70
N GLY A 246 5.65 -11.36 14.21
CA GLY A 246 5.11 -12.53 14.89
C GLY A 246 4.96 -12.31 16.38
N VAL A 247 5.00 -13.41 17.13
CA VAL A 247 4.78 -13.36 18.61
C VAL A 247 5.98 -12.82 19.40
N ALA A 248 7.15 -13.40 19.13
CA ALA A 248 8.40 -13.00 19.81
C ALA A 248 8.82 -11.56 19.38
N GLY A 249 9.04 -11.43 18.07
CA GLY A 249 9.11 -10.15 17.39
C GLY A 249 9.26 -10.39 15.91
N VAL A 250 10.21 -9.72 15.31
CA VAL A 250 10.30 -9.69 13.86
C VAL A 250 11.07 -10.87 13.26
N TYR A 251 10.47 -11.52 12.29
CA TYR A 251 11.08 -12.63 11.60
C TYR A 251 11.26 -12.18 10.17
N THR A 252 12.18 -12.82 9.43
CA THR A 252 12.43 -12.47 8.03
C THR A 252 12.82 -13.66 7.23
N SER A 253 12.65 -13.61 5.93
CA SER A 253 13.24 -14.59 5.06
C SER A 253 13.79 -13.86 3.83
N LEU A 254 15.13 -13.78 3.73
CA LEU A 254 15.77 -12.93 2.73
C LEU A 254 15.72 -13.63 1.40
N ASN A 255 15.56 -12.83 0.36
CA ASN A 255 15.57 -13.32 -1.03
C ASN A 255 16.97 -13.83 -1.32
N ASN A 256 17.05 -14.98 -1.97
CA ASN A 256 18.32 -15.48 -2.49
C ASN A 256 18.82 -14.53 -3.56
N GLY A 257 17.91 -14.09 -4.45
CA GLY A 257 18.27 -13.17 -5.51
C GLY A 257 17.63 -13.57 -6.80
N ASN A 258 17.06 -14.77 -6.79
CA ASN A 258 16.34 -15.30 -7.94
C ASN A 258 14.92 -15.62 -7.58
N GLY A 259 14.52 -15.20 -6.38
CA GLY A 259 13.16 -15.42 -5.89
C GLY A 259 12.91 -16.80 -5.33
N THR A 260 13.94 -17.37 -4.70
CA THR A 260 13.79 -18.50 -3.77
C THR A 260 14.22 -17.85 -2.49
N PHE A 261 13.88 -18.42 -1.35
CA PHE A 261 13.98 -17.65 -0.11
C PHE A 261 14.64 -18.42 1.01
N GLY A 262 15.35 -17.68 1.85
CA GLY A 262 16.22 -18.26 2.85
C GLY A 262 15.42 -18.93 3.94
N ALA A 263 15.82 -18.71 5.16
CA ALA A 263 15.19 -19.42 6.22
C ALA A 263 14.72 -18.41 7.24
N VAL A 264 13.68 -18.76 7.96
CA VAL A 264 13.00 -17.80 8.80
C VAL A 264 13.81 -17.57 10.06
N ASN A 265 13.93 -16.32 10.47
CA ASN A 265 14.93 -15.97 11.46
C ASN A 265 14.49 -14.86 12.35
N LEU A 266 14.26 -15.14 13.63
CA LEU A 266 13.87 -14.08 14.55
C LEU A 266 15.00 -13.05 14.53
N VAL A 267 14.92 -12.01 13.69
CA VAL A 267 15.95 -10.95 13.72
C VAL A 267 15.71 -9.83 14.73
N LEU A 268 14.60 -9.79 15.46
CA LEU A 268 14.42 -8.73 16.46
C LEU A 268 13.36 -9.01 17.52
N LYS A 269 13.72 -8.81 18.80
CA LYS A 269 12.86 -9.11 19.97
C LYS A 269 12.06 -7.90 20.35
N ASP A 270 11.25 -7.47 19.40
CA ASP A 270 10.36 -6.32 19.59
C ASP A 270 9.42 -6.23 18.39
N PHE A 271 8.41 -5.37 18.51
CA PHE A 271 7.31 -5.18 17.51
C PHE A 271 6.42 -6.43 17.36
N GLY A 272 6.44 -7.29 18.37
CA GLY A 272 5.74 -8.57 18.32
C GLY A 272 4.67 -8.57 19.37
N VAL A 273 3.93 -9.66 19.40
CA VAL A 273 2.85 -9.79 20.39
C VAL A 273 3.47 -9.76 21.82
N ASN A 274 4.53 -10.56 22.03
CA ASN A 274 5.25 -10.59 23.33
C ASN A 274 5.71 -9.20 23.72
N SER A 275 6.04 -8.37 22.75
CA SER A 275 6.54 -7.03 23.07
C SER A 275 5.36 -6.02 23.19
N GLY A 276 4.12 -6.51 23.21
CA GLY A 276 2.90 -5.69 23.43
C GLY A 276 2.07 -5.24 22.20
N TRP A 277 2.39 -5.72 21.00
CA TRP A 277 1.88 -5.08 19.76
C TRP A 277 0.59 -5.71 19.22
N ARG A 278 -0.40 -4.86 19.03
CA ARG A 278 -1.70 -5.29 18.57
C ARG A 278 -2.20 -4.51 17.37
N VAL A 279 -2.74 -5.28 16.43
CA VAL A 279 -3.32 -4.71 15.24
C VAL A 279 -4.46 -3.74 15.59
N GLU A 280 -5.28 -4.12 16.57
CA GLU A 280 -6.34 -3.24 17.11
C GLU A 280 -5.90 -1.85 17.49
N LYS A 281 -4.67 -1.72 17.98
CA LYS A 281 -4.20 -0.46 18.58
C LYS A 281 -3.06 0.20 17.84
N HIS A 282 -2.29 -0.61 17.13
CA HIS A 282 -0.98 -0.19 16.65
C HIS A 282 -0.83 -0.48 15.18
N VAL A 283 -0.06 0.38 14.53
CA VAL A 283 0.30 0.30 13.12
C VAL A 283 1.77 0.00 13.00
N ARG A 284 2.11 -0.97 12.16
CA ARG A 284 3.48 -1.35 11.96
C ARG A 284 3.90 -1.29 10.49
N CYS A 285 5.01 -0.62 10.22
CA CYS A 285 5.51 -0.48 8.86
C CYS A 285 6.96 -0.79 8.69
N VAL A 286 7.28 -0.98 7.42
CA VAL A 286 8.59 -1.02 6.89
C VAL A 286 8.73 -0.09 5.67
N SER A 287 9.67 0.85 5.79
CA SER A 287 9.94 1.86 4.76
C SER A 287 11.36 2.42 4.93
N SER A 288 11.94 3.04 3.91
CA SER A 288 13.32 3.57 4.06
C SER A 288 13.37 4.90 4.77
N LEU A 289 14.07 4.95 5.91
CA LEU A 289 14.27 6.19 6.66
C LEU A 289 15.69 6.68 6.61
N THR A 290 16.54 6.04 5.80
CA THR A 290 17.97 6.42 5.71
C THR A 290 18.54 6.31 4.30
N ASN A 291 19.78 6.82 4.15
CA ASN A 291 20.45 6.81 2.85
C ASN A 291 20.80 5.40 2.35
N LYS A 292 20.58 4.38 3.20
CA LYS A 292 20.88 3.00 2.75
C LYS A 292 19.82 2.49 1.82
N LYS A 293 18.72 3.24 1.69
CA LYS A 293 17.55 2.82 0.92
C LYS A 293 17.20 1.37 1.16
N VAL A 294 16.91 1.00 2.39
CA VAL A 294 16.44 -0.35 2.66
C VAL A 294 15.35 -0.29 3.72
N GLY A 295 14.59 -1.39 3.85
CA GLY A 295 13.51 -1.45 4.80
C GLY A 295 13.94 -1.31 6.25
N ASP A 296 13.70 -0.16 6.85
CA ASP A 296 13.82 0.06 8.27
C ASP A 296 12.44 -0.14 8.88
N ILE A 297 12.34 -0.18 10.22
CA ILE A 297 11.08 -0.52 10.91
C ILE A 297 10.55 0.62 11.75
N ILE A 298 9.23 0.81 11.62
CA ILE A 298 8.47 1.87 12.25
C ILE A 298 7.17 1.28 12.75
N GLY A 299 6.87 1.54 14.02
CA GLY A 299 5.68 1.04 14.65
C GLY A 299 5.06 2.18 15.44
N PHE A 300 3.76 2.41 15.27
CA PHE A 300 3.07 3.39 16.06
C PHE A 300 2.52 2.63 17.25
N GLY A 301 3.13 2.87 18.42
CA GLY A 301 2.87 2.12 19.66
C GLY A 301 2.03 2.96 20.62
N ASP A 302 2.12 2.68 21.91
CA ASP A 302 1.30 3.37 22.91
C ASP A 302 1.86 4.78 23.17
N ALA A 303 3.13 4.82 23.58
CA ALA A 303 3.84 6.09 23.94
C ALA A 303 4.16 6.97 22.73
N GLY A 304 4.50 6.33 21.62
CA GLY A 304 4.85 7.09 20.44
C GLY A 304 5.27 6.20 19.30
N VAL A 305 6.14 6.76 18.47
CA VAL A 305 6.66 6.05 17.31
C VAL A 305 7.98 5.37 17.68
N TYR A 306 8.13 4.13 17.24
CA TYR A 306 9.28 3.32 17.54
C TYR A 306 9.95 2.93 16.24
N VAL A 307 11.25 3.21 16.17
CA VAL A 307 12.04 2.94 14.96
C VAL A 307 13.24 2.02 15.24
N ALA A 308 13.45 1.05 14.35
CA ALA A 308 14.62 0.18 14.35
C ALA A 308 15.30 0.22 12.99
N LEU A 309 16.56 0.68 12.91
CA LEU A 309 17.23 0.93 11.61
C LEU A 309 17.91 -0.32 11.06
N ASN A 310 17.81 -0.51 9.75
CA ASN A 310 18.33 -1.70 9.09
C ASN A 310 19.82 -1.47 8.75
N ASN A 311 20.74 -2.12 9.46
CA ASN A 311 22.21 -1.96 9.20
C ASN A 311 22.55 -1.90 7.72
N GLY A 312 21.92 -2.73 6.92
CA GLY A 312 22.10 -2.66 5.47
C GLY A 312 21.85 -3.98 4.81
N ASN A 313 21.76 -5.05 5.62
CA ASN A 313 21.76 -6.44 5.14
C ASN A 313 20.58 -7.27 5.66
N GLY A 314 19.74 -6.68 6.49
CA GLY A 314 18.65 -7.42 7.10
C GLY A 314 18.65 -7.40 8.62
N THR A 315 19.65 -6.78 9.24
CA THR A 315 19.87 -6.89 10.68
C THR A 315 19.51 -5.53 11.23
N PHE A 316 19.11 -5.41 12.51
CA PHE A 316 18.58 -4.14 13.01
C PHE A 316 19.10 -3.59 14.33
N GLY A 317 19.48 -2.33 14.36
CA GLY A 317 19.99 -1.74 15.58
C GLY A 317 18.93 -1.55 16.65
N PRO A 318 19.30 -0.82 17.70
CA PRO A 318 18.39 -0.67 18.83
C PRO A 318 17.09 0.04 18.44
N VAL A 319 15.99 -0.46 18.96
CA VAL A 319 14.72 0.21 18.88
C VAL A 319 14.72 1.56 19.66
N LYS A 320 14.13 2.64 19.11
CA LYS A 320 14.08 3.94 19.83
C LYS A 320 12.78 4.75 19.65
N ARG A 321 12.45 5.52 20.68
CA ARG A 321 11.25 6.32 20.66
C ARG A 321 11.58 7.70 20.09
N VAL A 322 11.43 7.77 18.76
CA VAL A 322 11.76 8.94 17.95
C VAL A 322 10.81 10.11 18.14
N ILE A 323 9.59 9.83 18.55
CA ILE A 323 8.72 10.91 18.96
C ILE A 323 7.60 10.43 19.89
N ASP A 324 7.24 11.31 20.82
CA ASP A 324 6.24 11.01 21.82
C ASP A 324 4.89 11.40 21.24
N ASN A 325 4.56 10.79 20.09
CA ASN A 325 3.29 11.09 19.50
C ASN A 325 2.86 10.06 18.42
N PHE A 326 1.67 10.28 17.82
CA PHE A 326 1.09 9.40 16.81
C PHE A 326 0.82 8.05 17.41
N GLY A 327 0.71 8.03 18.73
CA GLY A 327 0.56 6.81 19.49
C GLY A 327 -0.79 6.73 20.15
N TYR A 328 -1.07 5.57 20.70
CA TYR A 328 -2.38 5.31 21.29
C TYR A 328 -2.59 6.24 22.49
N ASN A 329 -1.53 6.48 23.25
CA ASN A 329 -1.64 7.35 24.42
C ASN A 329 -1.90 8.80 24.00
N GLN A 330 -1.69 9.19 22.75
CA GLN A 330 -2.05 10.56 22.33
C GLN A 330 -3.37 10.60 21.54
N GLY A 331 -4.08 9.47 21.58
CA GLY A 331 -5.43 9.36 21.08
C GLY A 331 -5.56 8.79 19.68
N TRP A 332 -4.48 8.22 19.14
CA TRP A 332 -4.47 7.75 17.77
C TRP A 332 -5.08 6.35 17.69
N ARG A 333 -6.18 6.24 16.97
CA ARG A 333 -6.90 4.99 16.87
C ARG A 333 -6.83 4.47 15.46
N VAL A 334 -6.72 3.15 15.35
CA VAL A 334 -6.52 2.50 14.07
C VAL A 334 -7.76 2.75 13.24
N ASP A 335 -8.93 2.70 13.87
CA ASP A 335 -10.18 2.84 13.15
C ASP A 335 -10.68 4.30 13.00
N LYS A 336 -9.79 5.29 13.11
CA LYS A 336 -10.18 6.71 13.04
C LYS A 336 -9.15 7.65 12.46
N HIS A 337 -7.88 7.27 12.50
CA HIS A 337 -6.77 8.18 12.28
C HIS A 337 -5.67 7.53 11.42
N PRO A 338 -5.88 7.49 10.12
CA PRO A 338 -4.87 6.86 9.25
C PRO A 338 -3.49 7.51 9.36
N ARG A 339 -2.47 6.66 9.47
CA ARG A 339 -1.10 7.09 9.56
C ARG A 339 -0.27 6.45 8.44
N PHE A 340 0.70 7.20 7.93
CA PHE A 340 1.48 6.73 6.80
C PHE A 340 2.95 7.12 6.99
N VAL A 341 3.83 6.24 6.56
CA VAL A 341 5.23 6.53 6.53
C VAL A 341 5.60 6.77 5.10
N VAL A 342 6.06 7.99 4.78
CA VAL A 342 6.24 8.40 3.38
C VAL A 342 7.13 9.63 3.28
N ASP A 343 7.95 9.73 2.23
CA ASP A 343 8.78 10.94 2.07
C ASP A 343 7.93 12.14 1.68
N LEU A 344 7.93 13.16 2.52
CA LEU A 344 7.21 14.40 2.29
C LEU A 344 8.11 15.58 1.97
N THR A 345 9.43 15.39 2.11
CA THR A 345 10.44 16.45 1.93
C THR A 345 11.38 16.21 0.74
N GLY A 346 11.29 15.04 0.14
CA GLY A 346 12.08 14.71 -1.05
C GLY A 346 13.53 14.31 -0.83
N ASP A 347 13.95 14.08 0.41
CA ASP A 347 15.39 13.73 0.68
C ASP A 347 15.72 12.21 0.61
N GLY A 348 14.76 11.36 0.23
CA GLY A 348 14.95 9.92 0.27
C GLY A 348 14.58 9.26 1.59
N CYS A 349 14.35 10.04 2.64
CA CYS A 349 14.11 9.50 3.96
C CYS A 349 12.67 9.72 4.38
N ALA A 350 12.00 8.62 4.69
CA ALA A 350 10.54 8.66 4.83
C ALA A 350 10.14 9.43 6.06
N ASP A 351 9.04 10.16 5.98
CA ASP A 351 8.56 10.97 7.06
C ASP A 351 7.24 10.39 7.50
N ILE A 352 6.56 11.08 8.37
CA ILE A 352 5.34 10.57 9.00
C ILE A 352 4.22 11.57 8.88
N VAL A 353 3.08 11.10 8.44
CA VAL A 353 1.90 11.95 8.45
C VAL A 353 0.73 11.14 9.01
N GLY A 354 -0.10 11.76 9.82
CA GLY A 354 -1.32 11.11 10.32
C GLY A 354 -2.50 12.04 10.18
N PHE A 355 -3.63 11.51 9.77
CA PHE A 355 -4.88 12.31 9.69
C PHE A 355 -5.59 12.15 11.03
N GLY A 356 -5.46 13.14 11.89
CA GLY A 356 -5.82 12.98 13.27
C GLY A 356 -7.21 13.45 13.53
N GLU A 357 -7.52 13.61 14.82
CA GLU A 357 -8.83 14.04 15.29
C GLU A 357 -9.27 15.40 14.73
N ASN A 358 -8.38 16.38 14.82
CA ASN A 358 -8.68 17.76 14.43
C ASN A 358 -7.73 18.35 13.43
N SER A 359 -6.53 17.78 13.32
CA SER A 359 -5.58 18.22 12.32
C SER A 359 -4.89 17.04 11.68
N VAL A 360 -4.29 17.34 10.52
CA VAL A 360 -3.28 16.49 9.88
C VAL A 360 -1.95 16.88 10.55
N TRP A 361 -1.27 15.89 11.06
CA TRP A 361 -0.02 16.12 11.77
C TRP A 361 1.09 15.52 10.98
N ALA A 362 2.18 16.26 10.92
CA ALA A 362 3.37 15.72 10.30
C ALA A 362 4.57 15.79 11.22
N CYS A 363 5.53 14.94 10.88
CA CYS A 363 6.75 14.81 11.61
C CYS A 363 7.89 14.40 10.67
N MET A 364 8.91 15.23 10.57
CA MET A 364 9.91 15.07 9.51
C MET A 364 11.18 14.32 9.95
N ASN A 365 11.56 13.34 9.17
CA ASN A 365 12.79 12.60 9.39
C ASN A 365 13.93 13.60 9.23
N LYS A 366 14.87 13.63 10.19
CA LYS A 366 16.04 14.53 10.11
C LYS A 366 17.02 14.14 8.99
N GLY A 367 16.86 12.96 8.39
CA GLY A 367 17.75 12.51 7.33
C GLY A 367 18.51 11.28 7.76
N ASP A 368 18.58 11.03 9.07
CA ASP A 368 19.32 9.86 9.64
C ASP A 368 18.39 8.78 10.17
N GLY A 369 17.09 9.04 10.23
CA GLY A 369 16.15 8.12 10.85
C GLY A 369 15.83 8.60 12.24
N THR A 370 16.25 9.83 12.58
CA THR A 370 15.76 10.50 13.77
C THR A 370 14.80 11.58 13.29
N PHE A 371 13.97 12.09 14.18
CA PHE A 371 12.82 12.84 13.76
C PHE A 371 12.71 14.17 14.44
N GLY A 372 12.02 15.11 13.83
CA GLY A 372 11.92 16.45 14.39
C GLY A 372 10.73 16.57 15.27
N PRO A 373 10.38 17.79 15.61
CA PRO A 373 9.15 18.05 16.36
C PRO A 373 7.90 18.00 15.44
N ILE A 374 6.73 17.84 16.03
CA ILE A 374 5.51 17.63 15.28
C ILE A 374 5.08 18.93 14.63
N MET A 375 4.32 18.85 13.53
CA MET A 375 3.83 20.02 12.80
C MET A 375 2.35 19.86 12.60
N LYS A 376 1.62 20.96 12.80
CA LYS A 376 0.20 21.03 12.53
C LYS A 376 0.07 21.59 11.11
N LEU A 377 -0.28 20.72 10.16
CA LEU A 377 -0.30 21.08 8.74
C LEU A 377 -1.54 21.84 8.36
N ILE A 378 -2.69 21.27 8.69
CA ILE A 378 -3.98 21.83 8.31
C ILE A 378 -5.08 21.12 9.07
N ASP A 379 -6.18 21.84 9.25
CA ASP A 379 -7.33 21.34 10.01
C ASP A 379 -8.44 20.90 9.06
N ASP A 380 -8.14 19.87 8.28
CA ASP A 380 -9.08 19.28 7.35
C ASP A 380 -8.77 17.78 7.16
N MET A 381 -9.65 17.06 6.49
CA MET A 381 -9.49 15.59 6.30
C MET A 381 -9.34 14.83 7.62
N THR A 382 -10.15 15.27 8.57
CA THR A 382 -10.06 14.85 9.94
C THR A 382 -11.41 14.36 10.39
N VAL A 383 -11.46 13.75 11.56
CA VAL A 383 -12.71 13.33 12.17
C VAL A 383 -13.56 14.58 12.43
N SER A 384 -12.97 15.59 13.08
CA SER A 384 -13.65 16.81 13.38
C SER A 384 -14.34 17.39 12.15
N LYS A 385 -13.71 17.29 10.98
CA LYS A 385 -14.32 17.77 9.71
C LYS A 385 -15.18 16.73 8.94
N GLY A 386 -15.31 15.50 9.43
CA GLY A 386 -16.36 14.60 8.95
C GLY A 386 -15.89 13.33 8.30
N TRP A 387 -14.59 13.07 8.41
CA TRP A 387 -13.99 11.97 7.70
C TRP A 387 -13.88 10.77 8.61
N THR A 388 -14.51 9.71 8.15
CA THR A 388 -14.53 8.41 8.81
C THR A 388 -13.97 7.35 7.86
N LEU A 389 -13.43 6.28 8.44
CA LEU A 389 -12.97 5.17 7.63
C LEU A 389 -14.13 4.49 6.91
N GLN A 390 -15.34 4.55 7.49
CA GLN A 390 -16.51 3.84 6.86
C GLN A 390 -17.03 4.58 5.64
N LYS A 391 -16.90 5.90 5.57
CA LYS A 391 -17.44 6.64 4.41
C LYS A 391 -16.41 7.31 3.52
N THR A 392 -15.13 7.36 3.92
CA THR A 392 -14.05 8.00 3.11
C THR A 392 -12.76 7.17 2.96
N VAL A 393 -11.98 7.50 1.95
CA VAL A 393 -10.68 6.91 1.74
C VAL A 393 -9.62 8.02 1.64
N ARG A 394 -8.48 7.80 2.30
CA ARG A 394 -7.38 8.78 2.31
C ARG A 394 -6.02 8.16 2.01
N TYR A 395 -5.23 8.84 1.19
CA TYR A 395 -3.94 8.32 0.80
C TYR A 395 -2.91 9.41 0.93
N ALA A 396 -1.68 9.01 1.12
CA ALA A 396 -0.61 9.82 0.68
C ALA A 396 -0.23 9.24 -0.71
N ALA A 397 0.10 10.11 -1.65
CA ALA A 397 0.36 9.67 -3.02
C ALA A 397 1.12 10.77 -3.73
N ASN A 398 1.91 10.38 -4.73
CA ASN A 398 2.61 11.37 -5.53
C ASN A 398 1.79 11.66 -6.75
N LEU A 399 1.16 12.84 -6.74
CA LEU A 399 0.39 13.24 -7.86
C LEU A 399 1.34 13.64 -8.98
N TYR A 400 2.56 14.08 -8.65
CA TYR A 400 3.49 14.68 -9.65
C TYR A 400 4.97 14.24 -9.53
N LEU A 401 5.44 13.46 -10.50
CA LEU A 401 6.78 12.83 -10.48
C LEU A 401 7.51 13.01 -11.81
#